data_3PJX
#
_entry.id   3PJX
#
_cell.length_a   52.147
_cell.length_b   52.147
_cell.length_c   146.330
_cell.angle_alpha   90.00
_cell.angle_beta   90.00
_cell.angle_gamma   120.00
#
_symmetry.space_group_name_H-M   'P 32'
#
loop_
_entity.id
_entity.type
_entity.pdbx_description
1 polymer 'Cyclic dimeric GMP binding protein'
2 non-polymer 1,2-ETHANEDIOL
3 water water
#
_entity_poly.entity_id   1
_entity_poly.type   'polypeptide(L)'
_entity_poly.pdbx_seq_one_letter_code
;AALFQEQAERSEKLRTESYQDNLTGLANRRYFEMQLNARVSNPEQASSGYLLLLRVKDLAGLNQRLGGQRTDELLKAVGE
QLSRECAKYPETQNLVTRIRGGEFAVLAPGMTREEALQLAQSLDSALSSLYATGATDVAAVASIGLAPFAHGDSPQAVLS
LGDQALAQAEGQGEQNWACLDQSLVADVGDDHHAWHRLLDQALNQRRFELFFQPVVAAQDTQLVLHYKVLSRLLDEQGQT
IPAGRFLPWLERFGWTARLDRLMLERVLEQMAGHEESLALNLSSATLADPQALNKVFEILRAHSNLGARLTLEIGEEQLP
EQAVLEQLTRRLRELGFSLSLQRFGGRFSMIGNLARLGLAYLKIDGSYIRAIDQESDKRLFIEAIQRAAHSIDLPLIAER
VETEGELSVIREMGLYGVQGQLFGEPKPWG
;
_entity_poly.pdbx_strand_id   A
#
loop_
_chem_comp.id
_chem_comp.type
_chem_comp.name
_chem_comp.formula
EDO non-polymer 1,2-ETHANEDIOL 'C2 H6 O2'
#
# COMPACT_ATOMS: atom_id res chain seq x y z
N ALA A 1 -10.14 25.60 4.77
CA ALA A 1 -11.44 26.25 4.68
C ALA A 1 -12.48 25.42 5.42
N ALA A 2 -13.58 26.05 5.80
CA ALA A 2 -14.72 25.32 6.32
C ALA A 2 -15.26 24.50 5.17
N LEU A 3 -15.04 24.98 3.96
CA LEU A 3 -15.47 24.28 2.76
C LEU A 3 -14.67 22.98 2.59
N PHE A 4 -13.35 23.07 2.65
CA PHE A 4 -12.55 21.86 2.64
C PHE A 4 -13.00 20.88 3.74
N GLN A 5 -13.12 21.36 4.98
CA GLN A 5 -13.50 20.49 6.09
C GLN A 5 -14.77 19.72 5.76
N GLU A 6 -15.74 20.43 5.19
CA GLU A 6 -17.02 19.83 4.87
C GLU A 6 -16.92 18.84 3.70
N GLN A 7 -16.16 19.23 2.66
CA GLN A 7 -15.94 18.37 1.51
C GLN A 7 -15.16 17.09 1.86
N ALA A 8 -14.18 17.24 2.74
CA ALA A 8 -13.37 16.11 3.19
C ALA A 8 -14.24 15.12 3.97
N GLU A 9 -15.17 15.65 4.78
CA GLU A 9 -16.09 14.82 5.56
C GLU A 9 -17.01 13.97 4.68
N ARG A 10 -17.62 14.58 3.68
CA ARG A 10 -18.41 13.84 2.71
C ARG A 10 -17.53 12.75 2.14
N SER A 11 -16.30 13.12 1.77
CA SER A 11 -15.40 12.13 1.18
C SER A 11 -15.14 10.93 2.12
N GLU A 12 -14.84 11.22 3.38
CA GLU A 12 -14.62 10.18 4.40
C GLU A 12 -15.85 9.31 4.62
N LYS A 13 -17.01 9.94 4.70
CA LYS A 13 -18.24 9.18 4.85
C LYS A 13 -18.38 8.22 3.68
N LEU A 14 -18.12 8.70 2.47
CA LEU A 14 -18.21 7.82 1.31
C LEU A 14 -17.18 6.69 1.35
N ARG A 15 -15.94 7.02 1.73
CA ARG A 15 -14.93 5.98 1.82
C ARG A 15 -15.35 4.84 2.77
N THR A 16 -15.67 5.26 3.99
CA THR A 16 -16.08 4.40 5.10
C THR A 16 -17.30 3.55 4.75
N GLU A 17 -18.31 4.19 4.19
CA GLU A 17 -19.53 3.47 3.89
C GLU A 17 -19.24 2.47 2.75
N SER A 18 -18.41 2.88 1.79
CA SER A 18 -18.06 2.04 0.63
C SER A 18 -17.10 0.88 0.93
N TYR A 19 -16.09 1.12 1.76
CA TYR A 19 -14.91 0.25 1.80
C TYR A 19 -14.54 -0.27 3.18
N GLN A 20 -15.30 0.12 4.19
CA GLN A 20 -14.98 -0.19 5.57
C GLN A 20 -16.14 -0.95 6.21
N ASP A 21 -15.80 -2.01 6.94
CA ASP A 21 -16.81 -2.79 7.64
C ASP A 21 -17.33 -1.98 8.80
N ASN A 22 -18.62 -1.68 8.77
CA ASN A 22 -19.24 -0.90 9.83
C ASN A 22 -18.90 -1.42 11.23
N LEU A 23 -19.09 -2.72 11.45
CA LEU A 23 -18.91 -3.28 12.78
C LEU A 23 -17.50 -3.16 13.39
N THR A 24 -16.49 -3.58 12.63
CA THR A 24 -15.16 -3.75 13.21
C THR A 24 -14.20 -2.62 12.87
N GLY A 25 -14.53 -1.86 11.85
CA GLY A 25 -13.70 -0.76 11.43
C GLY A 25 -12.59 -1.23 10.50
N LEU A 26 -12.55 -2.53 10.25
CA LEU A 26 -11.63 -3.08 9.26
C LEU A 26 -12.13 -2.74 7.86
N ALA A 27 -11.39 -3.15 6.83
CA ALA A 27 -11.88 -3.03 5.46
C ALA A 27 -12.95 -4.08 5.22
N ASN A 28 -13.77 -3.88 4.19
CA ASN A 28 -14.82 -4.84 3.86
C ASN A 28 -14.50 -5.69 2.63
N ARG A 29 -15.45 -6.49 2.18
CA ARG A 29 -15.19 -7.49 1.14
C ARG A 29 -14.93 -6.85 -0.21
N ARG A 30 -15.71 -5.83 -0.53
CA ARG A 30 -15.46 -5.08 -1.76
C ARG A 30 -14.03 -4.53 -1.78
N TYR A 31 -13.61 -3.87 -0.71
CA TYR A 31 -12.26 -3.30 -0.72
C TYR A 31 -11.21 -4.40 -0.88
N PHE A 32 -11.44 -5.53 -0.22
CA PHE A 32 -10.51 -6.66 -0.26
C PHE A 32 -10.41 -7.24 -1.65
N GLU A 33 -11.53 -7.33 -2.35
CA GLU A 33 -11.51 -7.83 -3.72
C GLU A 33 -10.83 -6.84 -4.66
N MET A 34 -11.07 -5.56 -4.44
CA MET A 34 -10.45 -4.53 -5.26
C MET A 34 -8.96 -4.64 -5.11
N GLN A 35 -8.52 -4.80 -3.86
CA GLN A 35 -7.10 -4.90 -3.57
C GLN A 35 -6.49 -6.19 -4.11
N LEU A 36 -7.13 -7.32 -3.84
CA LEU A 36 -6.64 -8.59 -4.36
C LEU A 36 -6.54 -8.53 -5.89
N ASN A 37 -7.58 -8.00 -6.52
CA ASN A 37 -7.58 -7.80 -7.98
C ASN A 37 -6.36 -7.05 -8.49
N ALA A 38 -6.09 -5.92 -7.87
CA ALA A 38 -5.05 -5.02 -8.34
C ALA A 38 -3.67 -5.42 -7.86
N ARG A 39 -3.60 -5.94 -6.64
CA ARG A 39 -2.29 -6.22 -6.02
C ARG A 39 -1.63 -7.49 -6.53
N VAL A 40 -2.23 -8.09 -7.54
CA VAL A 40 -1.70 -9.30 -8.16
C VAL A 40 -1.23 -9.00 -9.60
N SER A 41 -1.12 -7.72 -9.96
CA SER A 41 -0.98 -7.38 -11.37
C SER A 41 0.17 -6.43 -11.79
N ASN A 42 0.63 -5.57 -10.89
CA ASN A 42 1.65 -4.58 -11.28
C ASN A 42 3.07 -4.90 -10.83
N PRO A 43 4.06 -4.51 -11.66
CA PRO A 43 5.47 -4.89 -11.47
C PRO A 43 6.15 -4.20 -10.29
N GLU A 44 5.63 -3.06 -9.84
CA GLU A 44 6.27 -2.26 -8.79
C GLU A 44 6.04 -2.81 -7.40
N GLN A 45 4.90 -3.43 -7.18
CA GLN A 45 4.54 -3.98 -5.88
C GLN A 45 4.72 -5.47 -5.88
N ALA A 46 4.95 -6.03 -4.70
CA ALA A 46 5.29 -7.45 -4.59
C ALA A 46 4.48 -8.40 -5.49
N SER A 47 5.20 -9.32 -6.11
CA SER A 47 4.58 -10.30 -7.00
C SER A 47 3.85 -11.31 -6.12
N SER A 48 4.65 -11.96 -5.29
CA SER A 48 4.22 -13.05 -4.44
C SER A 48 3.65 -12.60 -3.09
N GLY A 49 3.11 -13.57 -2.35
CA GLY A 49 2.78 -13.37 -0.96
C GLY A 49 1.89 -14.45 -0.41
N TYR A 50 1.15 -14.10 0.63
CA TYR A 50 0.25 -15.03 1.25
C TYR A 50 -1.08 -14.34 1.43
N LEU A 51 -2.13 -15.13 1.29
CA LEU A 51 -3.46 -14.76 1.73
C LEU A 51 -3.74 -15.50 3.03
N LEU A 52 -4.28 -14.78 4.01
CA LEU A 52 -4.71 -15.43 5.24
C LEU A 52 -6.23 -15.33 5.34
N LEU A 53 -6.91 -16.47 5.61
CA LEU A 53 -8.33 -16.46 5.92
C LEU A 53 -8.54 -16.95 7.35
N LEU A 54 -9.53 -16.37 8.01
CA LEU A 54 -9.83 -16.68 9.40
C LEU A 54 -11.34 -16.85 9.51
N ARG A 55 -11.79 -17.95 10.10
CA ARG A 55 -13.22 -18.19 10.25
C ARG A 55 -13.53 -18.49 11.71
N VAL A 56 -14.29 -17.61 12.34
CA VAL A 56 -14.71 -17.82 13.72
C VAL A 56 -15.48 -19.13 13.79
N LYS A 57 -15.18 -19.95 14.79
CA LYS A 57 -15.92 -21.22 14.93
C LYS A 57 -17.32 -21.06 15.54
N ASP A 58 -18.29 -21.72 14.90
CA ASP A 58 -19.68 -21.83 15.40
C ASP A 58 -20.34 -20.48 15.68
N LEU A 59 -20.23 -19.56 14.71
CA LEU A 59 -20.80 -18.23 14.81
C LEU A 59 -22.29 -18.32 15.13
N ALA A 60 -22.99 -19.24 14.46
CA ALA A 60 -24.43 -19.37 14.63
C ALA A 60 -24.80 -19.84 16.04
N GLY A 61 -23.98 -20.75 16.57
CA GLY A 61 -24.19 -21.27 17.90
C GLY A 61 -23.92 -20.23 18.96
N LEU A 62 -22.89 -19.41 18.72
CA LEU A 62 -22.54 -18.30 19.58
C LEU A 62 -23.68 -17.31 19.67
N ASN A 63 -24.26 -16.99 18.52
CA ASN A 63 -25.37 -16.07 18.48
C ASN A 63 -26.55 -16.61 19.27
N GLN A 64 -26.76 -17.91 19.16
CA GLN A 64 -27.87 -18.56 19.83
C GLN A 64 -27.63 -18.61 21.34
N ARG A 65 -26.44 -19.07 21.74
CA ARG A 65 -26.12 -19.24 23.16
C ARG A 65 -25.79 -17.93 23.88
N LEU A 66 -25.20 -16.97 23.15
CA LEU A 66 -24.68 -15.76 23.80
C LEU A 66 -25.46 -14.50 23.47
N GLY A 67 -26.27 -14.54 22.43
CA GLY A 67 -26.97 -13.34 21.98
C GLY A 67 -26.22 -12.52 20.94
N GLY A 68 -26.94 -11.71 20.18
CA GLY A 68 -26.39 -10.94 19.07
C GLY A 68 -25.38 -9.89 19.47
N GLN A 69 -25.63 -9.24 20.60
CA GLN A 69 -24.72 -8.22 21.10
C GLN A 69 -23.37 -8.80 21.53
N ARG A 70 -23.40 -9.83 22.37
CA ARG A 70 -22.20 -10.49 22.88
C ARG A 70 -21.38 -11.06 21.72
N THR A 71 -22.07 -11.39 20.63
CA THR A 71 -21.43 -11.96 19.46
C THR A 71 -20.73 -10.85 18.65
N ASP A 72 -21.38 -9.69 18.56
CA ASP A 72 -20.79 -8.54 17.89
C ASP A 72 -19.51 -8.09 18.59
N GLU A 73 -19.47 -8.22 19.91
CA GLU A 73 -18.29 -7.80 20.67
C GLU A 73 -17.16 -8.77 20.39
N LEU A 74 -17.51 -10.05 20.25
CA LEU A 74 -16.48 -11.03 19.95
C LEU A 74 -15.87 -10.74 18.58
N LEU A 75 -16.72 -10.38 17.63
CA LEU A 75 -16.27 -10.14 16.28
C LEU A 75 -15.28 -8.98 16.24
N LYS A 76 -15.56 -7.94 17.01
CA LYS A 76 -14.68 -6.77 17.10
C LYS A 76 -13.40 -7.18 17.80
N ALA A 77 -13.51 -7.98 18.85
CA ALA A 77 -12.33 -8.46 19.57
C ALA A 77 -11.42 -9.32 18.66
N VAL A 78 -12.02 -10.15 17.82
CA VAL A 78 -11.29 -10.93 16.83
C VAL A 78 -10.58 -10.01 15.84
N GLY A 79 -11.31 -9.02 15.34
CA GLY A 79 -10.75 -8.02 14.42
C GLY A 79 -9.56 -7.27 14.99
N GLU A 80 -9.66 -6.98 16.28
CA GLU A 80 -8.62 -6.31 17.02
C GLU A 80 -7.37 -7.19 17.25
N GLN A 81 -7.56 -8.47 17.51
CA GLN A 81 -6.44 -9.39 17.63
C GLN A 81 -5.76 -9.55 16.28
N LEU A 82 -6.55 -9.66 15.23
CA LEU A 82 -5.99 -9.76 13.88
C LEU A 82 -5.17 -8.52 13.53
N SER A 83 -5.72 -7.32 13.78
CA SER A 83 -4.94 -6.09 13.52
C SER A 83 -3.58 -6.12 14.24
N ARG A 84 -3.60 -6.43 15.53
CA ARG A 84 -2.36 -6.46 16.34
C ARG A 84 -1.32 -7.41 15.78
N GLU A 85 -1.73 -8.62 15.43
CA GLU A 85 -0.78 -9.62 14.93
C GLU A 85 -0.27 -9.26 13.54
N CYS A 86 -1.11 -8.62 12.74
CA CYS A 86 -0.69 -8.25 11.39
C CYS A 86 0.17 -7.00 11.40
N ALA A 87 0.10 -6.20 12.47
CA ALA A 87 0.80 -4.93 12.51
C ALA A 87 2.32 -5.13 12.34
N LYS A 88 2.80 -6.28 12.79
CA LYS A 88 4.21 -6.67 12.70
C LYS A 88 4.65 -6.80 11.26
N TYR A 89 3.68 -6.92 10.36
CA TYR A 89 4.00 -7.12 8.95
C TYR A 89 3.45 -5.93 8.17
N PRO A 90 4.23 -4.83 8.10
CA PRO A 90 3.72 -3.55 7.59
C PRO A 90 3.14 -3.62 6.20
N GLU A 91 3.51 -4.62 5.39
CA GLU A 91 2.85 -4.79 4.08
C GLU A 91 1.34 -5.14 4.21
N THR A 92 0.87 -5.55 5.37
CA THR A 92 -0.57 -5.86 5.50
C THR A 92 -1.37 -4.61 5.75
N GLN A 93 -0.68 -3.49 5.88
CA GLN A 93 -1.31 -2.18 6.08
C GLN A 93 -2.47 -1.97 5.13
N ASN A 94 -3.64 -1.68 5.70
CA ASN A 94 -4.82 -1.40 4.91
C ASN A 94 -5.39 -2.64 4.23
N LEU A 95 -4.80 -3.81 4.48
CA LEU A 95 -5.31 -5.03 3.85
C LEU A 95 -5.93 -6.00 4.86
N VAL A 96 -6.14 -5.55 6.09
CA VAL A 96 -6.86 -6.35 7.07
C VAL A 96 -8.41 -6.12 6.90
N THR A 97 -9.15 -7.20 6.62
CA THR A 97 -10.55 -7.09 6.25
C THR A 97 -11.50 -8.12 6.90
N ARG A 98 -12.79 -7.79 6.94
CA ARG A 98 -13.84 -8.72 7.34
C ARG A 98 -14.70 -8.96 6.11
N ILE A 99 -14.73 -10.20 5.64
CA ILE A 99 -15.41 -10.56 4.39
C ILE A 99 -16.92 -10.78 4.57
N ARG A 100 -17.25 -11.67 5.49
CA ARG A 100 -18.63 -12.14 5.74
C ARG A 100 -18.74 -12.48 7.22
N GLY A 101 -19.92 -12.30 7.83
CA GLY A 101 -20.16 -12.76 9.19
C GLY A 101 -18.95 -12.96 10.09
N GLY A 102 -18.48 -14.20 10.18
CA GLY A 102 -17.34 -14.51 11.03
C GLY A 102 -16.10 -14.81 10.21
N GLU A 103 -15.99 -14.21 9.02
CA GLU A 103 -14.87 -14.55 8.15
C GLU A 103 -14.07 -13.30 7.81
N PHE A 104 -12.78 -13.38 8.09
CA PHE A 104 -11.83 -12.29 7.90
C PHE A 104 -10.76 -12.74 6.88
N ALA A 105 -10.09 -11.77 6.28
CA ALA A 105 -9.04 -12.06 5.32
C ALA A 105 -7.97 -10.97 5.42
N VAL A 106 -6.72 -11.36 5.20
CA VAL A 106 -5.62 -10.41 5.11
C VAL A 106 -4.75 -10.81 3.92
N LEU A 107 -4.38 -9.82 3.13
CA LEU A 107 -3.42 -10.03 2.05
C LEU A 107 -2.03 -9.57 2.51
N ALA A 108 -0.99 -10.38 2.27
CA ALA A 108 0.34 -10.02 2.72
C ALA A 108 1.37 -10.10 1.59
N PRO A 109 1.41 -9.06 0.74
CA PRO A 109 2.35 -8.98 -0.39
C PRO A 109 3.78 -9.19 0.08
N GLY A 110 4.52 -10.07 -0.60
CA GLY A 110 5.94 -10.28 -0.32
C GLY A 110 6.27 -11.24 0.80
N MET A 111 5.31 -11.49 1.69
CA MET A 111 5.50 -12.41 2.80
C MET A 111 6.09 -13.76 2.35
N THR A 112 7.06 -14.26 3.11
CA THR A 112 7.64 -15.58 2.85
C THR A 112 6.83 -16.66 3.58
N ARG A 113 7.11 -17.91 3.24
CA ARG A 113 6.44 -19.03 3.89
C ARG A 113 6.77 -19.08 5.37
N GLU A 114 8.00 -18.75 5.73
CA GLU A 114 8.37 -18.84 7.13
C GLU A 114 7.60 -17.79 7.91
N GLU A 115 7.44 -16.64 7.31
CA GLU A 115 6.71 -15.57 7.96
C GLU A 115 5.23 -15.91 8.09
N ALA A 116 4.68 -16.56 7.08
CA ALA A 116 3.26 -16.91 7.13
C ALA A 116 2.98 -17.94 8.23
N LEU A 117 3.91 -18.87 8.47
CA LEU A 117 3.76 -19.86 9.53
C LEU A 117 3.88 -19.18 10.89
N GLN A 118 4.75 -18.20 10.99
CA GLN A 118 4.89 -17.45 12.22
C GLN A 118 3.60 -16.69 12.55
N LEU A 119 3.02 -16.03 11.54
CA LEU A 119 1.79 -15.28 11.71
C LEU A 119 0.63 -16.20 12.11
N ALA A 120 0.56 -17.38 11.47
CA ALA A 120 -0.53 -18.30 11.76
C ALA A 120 -0.52 -18.68 13.23
N GLN A 121 0.66 -19.07 13.70
CA GLN A 121 0.85 -19.52 15.06
C GLN A 121 0.72 -18.41 16.09
N SER A 122 1.23 -17.21 15.79
CA SER A 122 1.05 -16.12 16.74
C SER A 122 -0.40 -15.64 16.79
N LEU A 123 -1.05 -15.60 15.64
CA LEU A 123 -2.50 -15.29 15.61
C LEU A 123 -3.32 -16.31 16.40
N ASP A 124 -2.96 -17.58 16.25
CA ASP A 124 -3.71 -18.65 16.89
C ASP A 124 -3.66 -18.52 18.41
N SER A 125 -2.46 -18.36 18.90
CA SER A 125 -2.22 -18.13 20.33
C SER A 125 -2.96 -16.87 20.79
N ALA A 126 -2.90 -15.79 20.02
CA ALA A 126 -3.60 -14.55 20.40
C ALA A 126 -5.09 -14.76 20.58
N LEU A 127 -5.70 -15.40 19.59
CA LEU A 127 -7.12 -15.58 19.58
C LEU A 127 -7.55 -16.43 20.75
N SER A 128 -6.69 -17.35 21.19
CA SER A 128 -7.09 -18.24 22.31
C SER A 128 -7.41 -17.44 23.59
N SER A 129 -6.86 -16.23 23.70
CA SER A 129 -7.21 -15.33 24.79
C SER A 129 -8.69 -14.99 24.80
N LEU A 130 -9.34 -15.04 23.63
CA LEU A 130 -10.77 -14.72 23.56
C LEU A 130 -11.67 -15.81 24.18
N TYR A 131 -11.16 -17.03 24.28
CA TYR A 131 -11.89 -18.06 25.01
C TYR A 131 -11.71 -17.84 26.52
N ALA A 132 -10.46 -17.63 26.94
CA ALA A 132 -10.12 -17.38 28.36
C ALA A 132 -10.94 -16.21 28.91
N THR A 133 -11.18 -15.24 28.05
CA THR A 133 -11.91 -14.01 28.35
C THR A 133 -13.42 -14.24 28.45
N GLY A 134 -13.89 -15.33 27.84
CA GLY A 134 -15.31 -15.63 27.83
C GLY A 134 -15.97 -14.96 26.65
N ALA A 135 -15.18 -14.27 25.85
CA ALA A 135 -15.72 -13.58 24.69
C ALA A 135 -16.36 -14.58 23.72
N THR A 136 -15.74 -15.74 23.62
CA THR A 136 -16.36 -16.89 22.98
C THR A 136 -16.34 -18.05 23.99
N ASP A 137 -17.29 -18.97 23.85
CA ASP A 137 -17.33 -20.19 24.66
C ASP A 137 -16.87 -21.42 23.86
N VAL A 138 -16.26 -21.17 22.71
CA VAL A 138 -15.65 -22.24 21.91
C VAL A 138 -14.13 -22.21 22.12
N ALA A 139 -13.60 -23.26 22.72
CA ALA A 139 -12.19 -23.22 23.15
C ALA A 139 -11.21 -23.07 21.98
N ALA A 140 -11.57 -23.65 20.85
CA ALA A 140 -10.79 -23.57 19.62
C ALA A 140 -10.85 -22.16 18.97
N VAL A 141 -11.88 -21.37 19.28
CA VAL A 141 -12.04 -19.97 18.80
C VAL A 141 -12.22 -19.81 17.28
N ALA A 142 -11.25 -20.25 16.48
CA ALA A 142 -11.31 -19.92 15.06
C ALA A 142 -10.41 -20.82 14.25
N SER A 143 -10.76 -20.98 12.98
CA SER A 143 -9.93 -21.72 12.04
C SER A 143 -9.16 -20.70 11.19
N ILE A 144 -7.91 -21.03 10.88
CA ILE A 144 -7.05 -20.13 10.11
C ILE A 144 -6.50 -20.90 8.93
N GLY A 145 -6.57 -20.30 7.73
CA GLY A 145 -5.90 -20.83 6.56
C GLY A 145 -4.94 -19.85 5.87
N LEU A 146 -3.77 -20.34 5.47
CA LEU A 146 -2.80 -19.55 4.70
C LEU A 146 -2.56 -20.18 3.32
N ALA A 147 -2.64 -19.35 2.28
CA ALA A 147 -2.34 -19.81 0.94
C ALA A 147 -1.43 -18.82 0.21
N PRO A 148 -0.45 -19.33 -0.54
CA PRO A 148 0.51 -18.54 -1.32
C PRO A 148 -0.13 -17.97 -2.59
N PHE A 149 0.31 -16.79 -3.02
CA PHE A 149 -0.06 -16.30 -4.35
C PHE A 149 1.13 -15.65 -5.01
N ALA A 150 1.18 -15.72 -6.34
CA ALA A 150 2.24 -15.08 -7.11
C ALA A 150 1.70 -14.06 -8.12
N HIS A 151 2.58 -13.21 -8.65
CA HIS A 151 2.15 -12.31 -9.72
C HIS A 151 1.53 -13.13 -10.86
N GLY A 152 0.37 -12.68 -11.32
CA GLY A 152 -0.31 -13.30 -12.45
C GLY A 152 -1.27 -14.40 -12.07
N ASP A 153 -1.42 -14.66 -10.77
CA ASP A 153 -2.44 -15.60 -10.34
C ASP A 153 -3.80 -14.92 -10.39
N SER A 154 -4.82 -15.65 -10.86
CA SER A 154 -6.16 -15.09 -10.88
C SER A 154 -6.61 -14.97 -9.44
N PRO A 155 -7.31 -13.87 -9.12
CA PRO A 155 -7.80 -13.65 -7.75
C PRO A 155 -8.77 -14.74 -7.32
N GLN A 156 -9.57 -15.22 -8.28
CA GLN A 156 -10.48 -16.32 -8.01
C GLN A 156 -9.70 -17.55 -7.50
N ALA A 157 -8.63 -17.91 -8.20
CA ALA A 157 -7.79 -19.05 -7.82
C ALA A 157 -7.14 -18.87 -6.45
N VAL A 158 -6.68 -17.66 -6.14
CA VAL A 158 -6.08 -17.36 -4.84
C VAL A 158 -7.11 -17.53 -3.71
N LEU A 159 -8.31 -17.03 -3.93
CA LEU A 159 -9.38 -17.23 -2.98
C LEU A 159 -9.70 -18.72 -2.83
N SER A 160 -9.70 -19.43 -3.95
CA SER A 160 -10.00 -20.86 -3.95
C SER A 160 -9.06 -21.67 -3.06
N LEU A 161 -7.76 -21.42 -3.17
CA LEU A 161 -6.85 -22.17 -2.29
C LEU A 161 -6.78 -21.61 -0.87
N GLY A 162 -7.20 -20.36 -0.69
CA GLY A 162 -7.44 -19.85 0.64
C GLY A 162 -8.53 -20.70 1.28
N ASP A 163 -9.59 -20.95 0.51
CA ASP A 163 -10.70 -21.78 0.99
C ASP A 163 -10.29 -23.22 1.27
N GLN A 164 -9.48 -23.82 0.40
CA GLN A 164 -8.93 -25.14 0.67
C GLN A 164 -8.06 -25.18 1.93
N ALA A 165 -7.27 -24.13 2.16
CA ALA A 165 -6.39 -24.09 3.32
C ALA A 165 -7.25 -24.08 4.58
N LEU A 166 -8.28 -23.25 4.53
CA LEU A 166 -9.27 -23.13 5.59
C LEU A 166 -9.98 -24.47 5.83
N ALA A 167 -10.41 -25.12 4.75
CA ALA A 167 -11.05 -26.42 4.87
C ALA A 167 -10.12 -27.51 5.41
N GLN A 168 -8.84 -27.41 5.08
CA GLN A 168 -7.86 -28.32 5.61
C GLN A 168 -7.73 -28.17 7.13
N ALA A 169 -7.72 -26.91 7.58
CA ALA A 169 -7.68 -26.61 9.01
C ALA A 169 -8.87 -27.25 9.72
N GLU A 170 -10.06 -27.15 9.13
CA GLU A 170 -11.28 -27.73 9.72
C GLU A 170 -11.28 -29.26 9.92
N GLY A 171 -10.82 -30.02 8.92
CA GLY A 171 -10.73 -31.46 9.04
C GLY A 171 -9.64 -31.96 9.98
N GLN A 172 -9.10 -31.06 10.78
CA GLN A 172 -8.13 -31.42 11.80
C GLN A 172 -8.77 -31.10 13.15
N GLY A 173 -9.44 -32.05 13.77
CA GLY A 173 -10.14 -31.73 15.01
C GLY A 173 -9.18 -31.14 16.02
N GLU A 174 -7.92 -31.20 15.63
CA GLU A 174 -6.75 -31.06 16.48
C GLU A 174 -6.03 -29.70 16.51
N GLN A 175 -6.02 -29.01 15.36
CA GLN A 175 -5.01 -27.95 15.12
C GLN A 175 -5.68 -26.84 14.31
N ASN A 176 -5.71 -25.62 14.84
CA ASN A 176 -6.61 -24.59 14.30
C ASN A 176 -6.20 -24.02 12.96
N TRP A 177 -4.90 -24.06 12.66
CA TRP A 177 -4.40 -23.45 11.43
C TRP A 177 -3.81 -24.45 10.46
N ALA A 178 -3.77 -24.06 9.21
CA ALA A 178 -3.13 -24.82 8.15
C ALA A 178 -2.48 -23.87 7.16
N CYS A 179 -1.31 -24.25 6.70
CA CYS A 179 -0.61 -23.50 5.68
C CYS A 179 -0.42 -24.44 4.51
N LEU A 180 -0.89 -24.04 3.32
CA LEU A 180 -0.78 -24.90 2.14
C LEU A 180 0.61 -24.82 1.52
N ASP A 181 1.09 -25.93 0.95
CA ASP A 181 2.38 -25.94 0.27
C ASP A 181 2.26 -25.49 -1.19
N GLY A 189 12.94 -17.35 2.62
CA GLY A 189 13.50 -17.85 1.36
C GLY A 189 12.46 -17.96 0.27
N ASP A 190 12.85 -18.43 -0.91
CA ASP A 190 14.23 -18.80 -1.20
C ASP A 190 14.72 -18.28 -2.57
N ASP A 191 16.02 -18.03 -2.67
CA ASP A 191 16.90 -18.25 -1.52
C ASP A 191 17.15 -16.97 -0.73
N HIS A 192 16.82 -17.02 0.56
CA HIS A 192 17.02 -15.94 1.51
C HIS A 192 18.49 -15.47 1.55
N HIS A 193 19.43 -16.41 1.70
CA HIS A 193 20.84 -16.07 1.76
C HIS A 193 21.36 -15.42 0.47
N ALA A 194 20.87 -15.89 -0.67
CA ALA A 194 21.29 -15.31 -1.95
C ALA A 194 20.82 -13.85 -2.10
N TRP A 195 19.63 -13.55 -1.60
CA TRP A 195 19.14 -12.18 -1.65
C TRP A 195 19.94 -11.26 -0.72
N HIS A 196 20.33 -11.79 0.43
CA HIS A 196 21.04 -10.99 1.43
C HIS A 196 22.37 -10.50 0.86
N ARG A 197 23.13 -11.43 0.25
CA ARG A 197 24.42 -11.13 -0.37
C ARG A 197 24.24 -10.37 -1.67
N LEU A 198 23.22 -10.72 -2.47
CA LEU A 198 22.98 -10.03 -3.73
C LEU A 198 22.73 -8.55 -3.48
N LEU A 199 21.85 -8.27 -2.53
CA LEU A 199 21.45 -6.92 -2.16
C LEU A 199 22.54 -6.10 -1.43
N ASP A 200 23.23 -6.71 -0.48
CA ASP A 200 24.29 -5.98 0.21
C ASP A 200 25.36 -5.51 -0.80
N GLN A 201 25.70 -6.40 -1.73
CA GLN A 201 26.72 -6.12 -2.74
C GLN A 201 26.22 -5.06 -3.70
N ALA A 202 24.99 -5.24 -4.17
CA ALA A 202 24.43 -4.33 -5.13
C ALA A 202 24.37 -2.92 -4.57
N LEU A 203 24.11 -2.80 -3.27
CA LEU A 203 24.04 -1.47 -2.67
C LEU A 203 25.44 -0.86 -2.62
N ASN A 204 26.38 -1.59 -2.03
CA ASN A 204 27.79 -1.18 -2.00
C ASN A 204 28.32 -0.78 -3.37
N GLN A 205 27.87 -1.46 -4.42
CA GLN A 205 28.42 -1.27 -5.76
C GLN A 205 27.59 -0.32 -6.62
N ARG A 206 26.52 0.24 -6.05
CA ARG A 206 25.64 1.15 -6.79
C ARG A 206 25.05 0.51 -8.03
N ARG A 207 24.85 -0.81 -8.02
CA ARG A 207 24.31 -1.47 -9.21
C ARG A 207 22.75 -1.52 -9.28
N PHE A 208 22.16 -0.34 -9.11
CA PHE A 208 20.74 -0.08 -9.27
C PHE A 208 20.56 0.99 -10.36
N GLU A 209 19.74 0.74 -11.37
CA GLU A 209 19.54 1.72 -12.45
C GLU A 209 18.36 2.63 -12.14
N LEU A 210 18.34 3.81 -12.76
CA LEU A 210 17.14 4.63 -12.75
C LEU A 210 16.32 4.27 -13.97
N PHE A 211 15.04 3.96 -13.74
CA PHE A 211 14.04 3.88 -14.78
C PHE A 211 13.09 5.04 -14.55
N PHE A 212 12.30 5.34 -15.57
CA PHE A 212 11.48 6.55 -15.62
C PHE A 212 10.17 6.22 -16.28
N GLN A 213 9.09 6.76 -15.73
CA GLN A 213 7.79 6.58 -16.32
C GLN A 213 7.14 7.96 -16.44
N PRO A 214 6.60 8.27 -17.63
CA PRO A 214 6.02 9.59 -17.85
C PRO A 214 4.76 9.74 -17.03
N VAL A 215 4.56 10.91 -16.46
CA VAL A 215 3.29 11.29 -15.83
C VAL A 215 2.78 12.52 -16.61
N VAL A 216 1.65 12.36 -17.28
CA VAL A 216 1.21 13.37 -18.24
C VAL A 216 -0.13 13.99 -17.83
N ALA A 217 -0.45 15.14 -18.42
CA ALA A 217 -1.65 15.88 -18.08
C ALA A 217 -2.88 15.11 -18.53
N ALA A 218 -3.82 14.91 -17.63
CA ALA A 218 -4.97 14.10 -17.97
C ALA A 218 -5.77 14.83 -19.06
N GLN A 219 -5.71 16.16 -19.03
CA GLN A 219 -6.51 16.97 -19.94
C GLN A 219 -5.82 17.27 -21.28
N ASP A 220 -4.60 16.71 -21.46
CA ASP A 220 -3.79 16.82 -22.69
C ASP A 220 -2.59 15.88 -22.63
N THR A 221 -2.76 14.64 -23.09
CA THR A 221 -1.81 13.59 -22.76
C THR A 221 -0.44 13.69 -23.45
N GLN A 222 -0.26 14.70 -24.31
CA GLN A 222 1.02 14.94 -24.96
C GLN A 222 1.92 15.76 -24.06
N LEU A 223 1.34 16.37 -23.04
CA LEU A 223 2.10 17.25 -22.15
C LEU A 223 2.62 16.50 -20.93
N VAL A 224 3.94 16.46 -20.80
CA VAL A 224 4.55 15.72 -19.70
C VAL A 224 4.61 16.58 -18.46
N LEU A 225 4.12 16.05 -17.33
CA LEU A 225 4.16 16.76 -16.06
C LEU A 225 5.46 16.51 -15.30
N HIS A 226 5.84 15.25 -15.20
CA HIS A 226 7.15 14.87 -14.71
C HIS A 226 7.40 13.42 -15.06
N TYR A 227 8.59 12.92 -14.75
CA TYR A 227 8.82 11.48 -14.83
C TYR A 227 8.95 10.89 -13.43
N LYS A 228 8.20 9.83 -13.14
CA LYS A 228 8.39 9.11 -11.88
C LYS A 228 9.65 8.25 -12.01
N VAL A 229 10.56 8.38 -11.05
CA VAL A 229 11.75 7.56 -11.01
C VAL A 229 11.46 6.23 -10.29
N LEU A 230 11.88 5.10 -10.88
CA LEU A 230 11.74 3.77 -10.26
C LEU A 230 13.11 3.11 -10.15
N SER A 231 13.31 2.34 -9.08
CA SER A 231 14.56 1.65 -8.85
C SER A 231 14.57 0.27 -9.48
N ARG A 232 15.63 -0.03 -10.24
CA ARG A 232 15.86 -1.35 -10.82
C ARG A 232 17.21 -1.89 -10.37
N LEU A 233 17.22 -3.15 -9.99
CA LEU A 233 18.42 -3.84 -9.60
C LEU A 233 19.01 -4.56 -10.82
N LEU A 234 20.33 -4.45 -11.00
CA LEU A 234 20.99 -5.24 -12.05
C LEU A 234 21.36 -6.62 -11.52
N ASP A 235 21.17 -7.66 -12.32
CA ASP A 235 21.70 -8.98 -11.97
C ASP A 235 23.09 -9.16 -12.56
N GLU A 236 23.64 -10.35 -12.34
CA GLU A 236 25.00 -10.68 -12.75
C GLU A 236 25.29 -10.41 -14.23
N GLN A 237 24.27 -10.51 -15.06
CA GLN A 237 24.42 -10.38 -16.49
C GLN A 237 24.00 -9.00 -16.96
N GLY A 238 23.87 -8.07 -16.02
CA GLY A 238 23.44 -6.71 -16.36
C GLY A 238 21.97 -6.64 -16.74
N GLN A 239 21.20 -7.63 -16.29
CA GLN A 239 19.75 -7.63 -16.47
C GLN A 239 19.10 -6.87 -15.31
N THR A 240 17.96 -6.24 -15.57
CA THR A 240 17.31 -5.51 -14.49
C THR A 240 16.28 -6.38 -13.77
N ILE A 241 16.12 -6.17 -12.47
CA ILE A 241 15.11 -6.86 -11.68
C ILE A 241 14.15 -5.83 -11.10
N PRO A 242 12.84 -6.14 -11.13
CA PRO A 242 11.82 -5.17 -10.72
C PRO A 242 11.72 -5.02 -9.19
N ALA A 243 11.37 -3.80 -8.75
CA ALA A 243 11.20 -3.50 -7.34
C ALA A 243 10.21 -4.45 -6.64
N GLY A 244 9.19 -4.91 -7.36
CA GLY A 244 8.23 -5.85 -6.81
C GLY A 244 8.91 -7.07 -6.23
N ARG A 245 10.00 -7.49 -6.85
CA ARG A 245 10.74 -8.64 -6.36
C ARG A 245 11.74 -8.31 -5.25
N PHE A 246 12.50 -7.22 -5.38
CA PHE A 246 13.59 -6.99 -4.41
C PHE A 246 13.20 -6.20 -3.15
N LEU A 247 12.22 -5.29 -3.25
CA LEU A 247 11.91 -4.41 -2.13
C LEU A 247 11.49 -5.11 -0.84
N PRO A 248 10.63 -6.15 -0.93
CA PRO A 248 10.34 -6.86 0.31
C PRO A 248 11.62 -7.37 0.98
N TRP A 249 12.57 -7.85 0.21
CA TRP A 249 13.84 -8.32 0.79
C TRP A 249 14.63 -7.20 1.49
N LEU A 250 14.70 -6.04 0.84
CA LEU A 250 15.38 -4.89 1.46
C LEU A 250 14.72 -4.54 2.77
N GLU A 251 13.39 -4.57 2.80
CA GLU A 251 12.64 -4.24 4.00
C GLU A 251 12.84 -5.34 5.04
N ARG A 252 12.84 -6.58 4.58
CA ARG A 252 13.13 -7.73 5.44
C ARG A 252 14.54 -7.59 6.07
N PHE A 253 15.53 -7.14 5.31
CA PHE A 253 16.89 -6.99 5.85
C PHE A 253 17.11 -5.65 6.53
N GLY A 254 16.18 -4.71 6.34
CA GLY A 254 16.28 -3.38 6.92
C GLY A 254 17.19 -2.40 6.19
N TRP A 255 17.21 -2.49 4.86
CA TRP A 255 18.17 -1.77 4.03
C TRP A 255 17.50 -0.75 3.10
N THR A 256 16.21 -0.50 3.32
CA THR A 256 15.49 0.43 2.47
C THR A 256 16.11 1.82 2.46
N ALA A 257 16.44 2.33 3.64
CA ALA A 257 17.13 3.60 3.78
C ALA A 257 18.44 3.69 2.97
N ARG A 258 19.11 2.57 2.80
CA ARG A 258 20.32 2.55 1.98
C ARG A 258 19.93 2.76 0.54
N LEU A 259 18.82 2.17 0.12
CA LEU A 259 18.46 2.34 -1.29
C LEU A 259 18.02 3.79 -1.52
N ASP A 260 17.22 4.33 -0.61
CA ASP A 260 16.78 5.73 -0.71
C ASP A 260 17.96 6.68 -0.89
N ARG A 261 19.01 6.49 -0.08
CA ARG A 261 20.15 7.40 -0.18
C ARG A 261 20.84 7.29 -1.53
N LEU A 262 21.10 6.06 -1.95
CA LEU A 262 21.71 5.79 -3.26
C LEU A 262 20.87 6.38 -4.40
N MET A 263 19.55 6.19 -4.32
CA MET A 263 18.65 6.61 -5.38
C MET A 263 18.62 8.11 -5.49
N LEU A 264 18.59 8.77 -4.33
CA LEU A 264 18.52 10.20 -4.31
C LEU A 264 19.82 10.82 -4.87
N GLU A 265 20.97 10.30 -4.46
CA GLU A 265 22.21 10.85 -4.99
C GLU A 265 22.23 10.63 -6.48
N ARG A 266 21.78 9.46 -6.92
CA ARG A 266 21.86 9.12 -8.35
C ARG A 266 20.92 9.98 -9.19
N VAL A 267 19.70 10.17 -8.70
CA VAL A 267 18.73 11.04 -9.37
C VAL A 267 19.22 12.48 -9.45
N LEU A 268 19.80 12.99 -8.38
CA LEU A 268 20.24 14.36 -8.38
C LEU A 268 21.44 14.56 -9.34
N GLU A 269 22.27 13.53 -9.47
CA GLU A 269 23.36 13.57 -10.43
C GLU A 269 22.78 13.64 -11.84
N GLN A 270 21.76 12.84 -12.12
CA GLN A 270 21.25 12.72 -13.48
C GLN A 270 20.40 13.90 -13.96
N MET A 271 19.73 14.58 -13.01
CA MET A 271 18.90 15.71 -13.35
C MET A 271 19.66 16.89 -13.88
N ALA A 272 20.95 16.96 -13.55
CA ALA A 272 21.79 18.10 -13.96
C ALA A 272 21.98 18.17 -15.47
N GLY A 273 21.84 17.03 -16.14
CA GLY A 273 21.99 16.98 -17.58
C GLY A 273 20.74 17.27 -18.41
N HIS A 274 19.62 17.58 -17.76
CA HIS A 274 18.42 17.93 -18.52
C HIS A 274 17.52 18.92 -17.78
N GLU A 275 16.37 19.22 -18.37
CA GLU A 275 15.47 20.23 -17.83
C GLU A 275 14.11 19.67 -17.43
N GLU A 276 14.00 18.35 -17.28
CA GLU A 276 12.72 17.75 -16.96
C GLU A 276 12.51 17.64 -15.46
N SER A 277 11.24 17.55 -15.06
CA SER A 277 10.90 17.32 -13.67
C SER A 277 10.78 15.86 -13.32
N LEU A 278 11.14 15.52 -12.10
CA LEU A 278 11.13 14.13 -11.65
C LEU A 278 10.42 13.95 -10.31
N ALA A 279 9.98 12.73 -10.03
CA ALA A 279 9.52 12.41 -8.69
C ALA A 279 10.21 11.17 -8.12
N LEU A 280 10.42 11.16 -6.81
CA LEU A 280 11.17 10.02 -6.20
C LEU A 280 10.60 9.61 -4.84
N ASN A 281 10.48 8.29 -4.56
CA ASN A 281 9.94 7.82 -3.27
C ASN A 281 10.87 8.21 -2.15
N LEU A 282 10.27 8.42 -0.99
CA LEU A 282 10.98 8.56 0.26
C LEU A 282 10.29 7.59 1.20
N SER A 283 11.03 6.62 1.71
CA SER A 283 10.42 5.51 2.46
C SER A 283 10.25 5.85 3.93
N SER A 284 9.35 5.12 4.61
CA SER A 284 9.21 5.27 6.05
C SER A 284 10.52 4.93 6.76
N ALA A 285 11.22 3.94 6.24
CA ALA A 285 12.57 3.59 6.69
C ALA A 285 13.50 4.81 6.80
N THR A 286 13.54 5.62 5.75
CA THR A 286 14.35 6.84 5.78
C THR A 286 13.79 7.82 6.80
N LEU A 287 12.47 7.89 6.86
CA LEU A 287 11.77 8.83 7.73
C LEU A 287 11.90 8.49 9.20
N ALA A 288 12.16 7.22 9.51
CA ALA A 288 12.22 6.80 10.92
C ALA A 288 13.59 7.00 11.55
N ASP A 289 14.64 6.71 10.80
CA ASP A 289 16.00 6.90 11.27
C ASP A 289 16.39 8.37 11.08
N PRO A 290 16.47 9.14 12.18
CA PRO A 290 16.80 10.58 12.12
C PRO A 290 18.16 10.83 11.47
N GLN A 291 19.04 9.85 11.55
CA GLN A 291 20.37 9.99 10.96
C GLN A 291 20.31 9.86 9.45
N ALA A 292 19.42 9.00 8.98
CA ALA A 292 19.19 8.87 7.54
C ALA A 292 18.47 10.11 7.02
N LEU A 293 17.52 10.59 7.81
CA LEU A 293 16.72 11.72 7.39
C LEU A 293 17.60 12.94 7.19
N ASN A 294 18.49 13.18 8.14
CA ASN A 294 19.39 14.31 8.06
C ASN A 294 20.38 14.27 6.90
N LYS A 295 20.84 13.06 6.52
CA LYS A 295 21.69 12.98 5.35
C LYS A 295 20.88 13.42 4.13
N VAL A 296 19.61 13.08 4.11
CA VAL A 296 18.75 13.49 3.01
C VAL A 296 18.71 15.02 2.92
N PHE A 297 18.42 15.68 4.04
CA PHE A 297 18.42 17.14 4.07
C PHE A 297 19.80 17.69 3.66
N GLU A 298 20.86 17.07 4.17
CA GLU A 298 22.22 17.47 3.82
C GLU A 298 22.34 17.49 2.30
N ILE A 299 21.97 16.36 1.70
CA ILE A 299 22.04 16.14 0.25
C ILE A 299 21.19 17.12 -0.56
N LEU A 300 19.99 17.43 -0.07
CA LEU A 300 19.12 18.43 -0.71
C LEU A 300 19.68 19.84 -0.62
N ARG A 301 20.22 20.22 0.55
CA ARG A 301 20.84 21.53 0.73
C ARG A 301 21.90 21.84 -0.34
N ALA A 302 22.67 20.82 -0.70
CA ALA A 302 23.78 20.97 -1.65
C ALA A 302 23.28 21.14 -3.09
N HIS A 303 22.02 20.75 -3.33
CA HIS A 303 21.42 20.83 -4.66
C HIS A 303 20.19 21.74 -4.75
N SER A 304 20.19 22.83 -3.97
CA SER A 304 19.14 23.85 -4.04
C SER A 304 18.66 24.14 -5.46
N ASN A 305 19.60 24.17 -6.40
CA ASN A 305 19.30 24.51 -7.79
C ASN A 305 18.28 23.57 -8.44
N LEU A 306 18.19 22.34 -7.95
CA LEU A 306 17.36 21.29 -8.56
C LEU A 306 16.00 21.13 -7.89
N GLY A 307 15.79 21.85 -6.78
CA GLY A 307 14.58 21.76 -5.98
C GLY A 307 13.30 22.01 -6.75
N ALA A 308 13.29 23.02 -7.61
CA ALA A 308 12.13 23.31 -8.45
C ALA A 308 11.76 22.17 -9.42
N ARG A 309 12.64 21.18 -9.57
CA ARG A 309 12.39 20.11 -10.54
C ARG A 309 12.21 18.72 -9.91
N LEU A 310 12.37 18.60 -8.60
CA LEU A 310 12.22 17.29 -7.94
C LEU A 310 11.12 17.27 -6.86
N THR A 311 10.17 16.34 -6.97
CA THR A 311 9.14 16.15 -5.95
C THR A 311 9.42 14.86 -5.21
N LEU A 312 9.50 14.90 -3.88
CA LEU A 312 9.61 13.68 -3.09
C LEU A 312 8.19 13.12 -2.78
N GLU A 313 7.99 11.81 -2.94
CA GLU A 313 6.69 11.17 -2.73
C GLU A 313 6.72 10.17 -1.59
N ILE A 314 5.81 10.37 -0.63
CA ILE A 314 5.60 9.39 0.41
C ILE A 314 4.27 8.65 0.21
N GLY A 315 4.32 7.33 0.32
CA GLY A 315 3.15 6.48 0.31
C GLY A 315 2.22 6.79 1.47
N GLU A 316 0.92 6.88 1.19
CA GLU A 316 -0.07 7.14 2.25
C GLU A 316 0.10 6.18 3.43
N GLU A 317 0.51 4.95 3.14
CA GLU A 317 0.61 3.90 4.16
C GLU A 317 1.88 4.04 4.99
N GLN A 318 2.68 5.06 4.68
CA GLN A 318 3.96 5.27 5.35
C GLN A 318 4.06 6.66 5.95
N LEU A 319 2.91 7.32 6.05
CA LEU A 319 2.86 8.68 6.58
C LEU A 319 3.23 8.72 8.04
N PRO A 320 4.17 9.60 8.41
CA PRO A 320 4.51 9.81 9.82
C PRO A 320 3.37 10.55 10.48
N GLU A 321 3.53 10.88 11.76
CA GLU A 321 2.56 11.65 12.50
C GLU A 321 2.38 13.02 11.85
N GLN A 322 1.15 13.53 11.84
CA GLN A 322 0.87 14.84 11.25
C GLN A 322 1.90 15.86 11.69
N ALA A 323 2.44 15.67 12.88
CA ALA A 323 3.42 16.58 13.44
C ALA A 323 4.73 16.53 12.67
N VAL A 324 5.28 15.33 12.50
CA VAL A 324 6.50 15.14 11.72
C VAL A 324 6.24 15.50 10.26
N LEU A 325 5.08 15.11 9.75
CA LEU A 325 4.69 15.45 8.40
C LEU A 325 4.73 16.97 8.17
N GLU A 326 4.16 17.73 9.09
CA GLU A 326 4.08 19.18 8.94
C GLU A 326 5.44 19.87 8.92
N GLN A 327 6.33 19.44 9.81
CA GLN A 327 7.67 19.99 9.86
C GLN A 327 8.48 19.49 8.67
N LEU A 328 8.18 18.27 8.26
CA LEU A 328 8.84 17.68 7.11
C LEU A 328 8.62 18.55 5.87
N THR A 329 7.37 18.91 5.60
CA THR A 329 7.06 19.72 4.42
C THR A 329 7.69 21.10 4.59
N ARG A 330 7.86 21.52 5.84
CA ARG A 330 8.42 22.82 6.15
C ARG A 330 9.91 22.89 5.80
N ARG A 331 10.67 21.86 6.20
CA ARG A 331 12.11 21.78 5.87
C ARG A 331 12.31 21.69 4.36
N LEU A 332 11.51 20.85 3.71
CA LEU A 332 11.59 20.71 2.26
C LEU A 332 11.34 22.04 1.55
N ARG A 333 10.33 22.78 2.01
CA ARG A 333 9.98 24.05 1.39
C ARG A 333 11.09 25.08 1.53
N GLU A 334 11.80 25.05 2.65
CA GLU A 334 12.95 25.93 2.83
C GLU A 334 14.10 25.57 1.90
N LEU A 335 14.19 24.29 1.52
CA LEU A 335 15.26 23.85 0.63
C LEU A 335 14.87 24.04 -0.83
N GLY A 336 13.60 24.31 -1.07
CA GLY A 336 13.08 24.50 -2.41
C GLY A 336 12.58 23.21 -3.04
N PHE A 337 12.44 22.16 -2.23
CA PHE A 337 11.92 20.90 -2.75
C PHE A 337 10.46 20.72 -2.40
N SER A 338 9.71 20.04 -3.26
CA SER A 338 8.28 19.91 -3.03
C SER A 338 7.95 18.49 -2.57
N LEU A 339 6.77 18.31 -1.95
CA LEU A 339 6.36 17.02 -1.40
C LEU A 339 4.97 16.64 -1.87
N SER A 340 4.79 15.35 -2.15
CA SER A 340 3.52 14.77 -2.55
C SER A 340 3.21 13.47 -1.81
N LEU A 341 1.95 13.05 -1.88
CA LEU A 341 1.54 11.72 -1.44
C LEU A 341 1.27 10.83 -2.66
N GLN A 342 1.60 9.55 -2.55
CA GLN A 342 1.20 8.57 -3.56
C GLN A 342 0.45 7.44 -2.87
N ARG A 343 -0.14 6.56 -3.66
CA ARG A 343 -0.97 5.49 -3.14
C ARG A 343 -2.08 6.05 -2.21
N PHE A 344 -2.62 7.19 -2.57
CA PHE A 344 -3.54 7.89 -1.69
C PHE A 344 -4.91 7.23 -1.78
N GLY A 345 -5.55 7.03 -0.63
CA GLY A 345 -6.86 6.41 -0.61
C GLY A 345 -7.89 7.25 0.14
N GLY A 346 -7.64 8.54 0.22
CA GLY A 346 -8.61 9.46 0.77
C GLY A 346 -8.79 9.42 2.28
N ARG A 347 -7.78 8.94 3.02
CA ARG A 347 -7.85 8.96 4.50
C ARG A 347 -7.48 10.34 5.05
N PHE A 348 -8.41 11.28 4.90
CA PHE A 348 -8.18 12.66 5.31
C PHE A 348 -8.11 12.83 6.84
N SER A 349 -8.80 11.96 7.57
CA SER A 349 -8.77 12.00 9.03
C SER A 349 -7.40 11.57 9.52
N MET A 350 -6.58 11.11 8.59
CA MET A 350 -5.22 10.64 8.86
C MET A 350 -4.18 11.67 8.43
N ILE A 351 -4.51 12.47 7.42
CA ILE A 351 -3.64 13.57 7.00
C ILE A 351 -3.97 14.78 7.88
N GLY A 352 -5.26 15.12 7.95
CA GLY A 352 -5.74 16.19 8.81
C GLY A 352 -5.39 17.59 8.34
N ASN A 353 -4.26 18.10 8.80
CA ASN A 353 -3.78 19.43 8.45
C ASN A 353 -3.46 19.60 6.95
N LEU A 354 -3.87 18.63 6.15
CA LEU A 354 -3.57 18.63 4.71
C LEU A 354 -3.61 20.02 4.11
N ALA A 355 -4.66 20.76 4.46
CA ALA A 355 -4.88 22.09 3.92
C ALA A 355 -3.65 23.00 4.10
N ARG A 356 -2.84 22.73 5.11
CA ARG A 356 -1.72 23.61 5.45
C ARG A 356 -0.38 23.10 4.90
N LEU A 357 -0.35 21.87 4.41
CA LEU A 357 0.90 21.26 3.99
C LEU A 357 1.46 21.85 2.69
N GLY A 358 0.57 22.40 1.86
CA GLY A 358 0.96 22.86 0.55
C GLY A 358 1.66 21.76 -0.25
N LEU A 359 1.05 20.57 -0.29
CA LEU A 359 1.62 19.47 -1.06
C LEU A 359 1.53 19.76 -2.55
N ALA A 360 2.37 19.13 -3.34
CA ALA A 360 2.34 19.40 -4.76
C ALA A 360 1.14 18.73 -5.45
N TYR A 361 0.90 17.46 -5.12
CA TYR A 361 -0.18 16.67 -5.69
C TYR A 361 -0.47 15.46 -4.80
N LEU A 362 -1.56 14.77 -5.08
CA LEU A 362 -1.81 13.48 -4.47
C LEU A 362 -1.95 12.52 -5.61
N LYS A 363 -1.19 11.42 -5.58
CA LYS A 363 -1.37 10.38 -6.57
C LYS A 363 -2.31 9.34 -6.01
N ILE A 364 -3.37 9.06 -6.74
CA ILE A 364 -4.40 8.12 -6.34
C ILE A 364 -3.95 6.66 -6.54
N ASP A 365 -4.11 5.83 -5.52
CA ASP A 365 -3.73 4.44 -5.66
C ASP A 365 -4.41 3.76 -6.86
N GLY A 366 -3.62 3.07 -7.67
CA GLY A 366 -4.12 2.42 -8.87
C GLY A 366 -5.27 1.46 -8.59
N SER A 367 -5.36 0.97 -7.36
CA SER A 367 -6.49 0.08 -7.02
C SER A 367 -7.88 0.75 -7.22
N TYR A 368 -7.98 2.06 -7.07
CA TYR A 368 -9.28 2.71 -7.31
C TYR A 368 -9.49 3.09 -8.77
N ILE A 369 -8.43 2.98 -9.57
CA ILE A 369 -8.46 3.50 -10.93
C ILE A 369 -8.80 2.40 -11.89
N ARG A 370 -8.29 1.21 -11.61
CA ARG A 370 -8.52 0.06 -12.43
C ARG A 370 -10.01 -0.13 -12.66
N ALA A 371 -10.43 -0.15 -13.91
CA ALA A 371 -11.83 -0.39 -14.28
C ALA A 371 -12.79 0.69 -13.79
N ILE A 372 -12.29 1.89 -13.57
CA ILE A 372 -13.10 2.99 -13.03
C ILE A 372 -14.22 3.40 -13.97
N ASP A 373 -14.07 3.07 -15.25
CA ASP A 373 -15.12 3.31 -16.24
C ASP A 373 -16.28 2.29 -16.19
N GLN A 374 -16.09 1.21 -15.42
CA GLN A 374 -17.06 0.11 -15.34
C GLN A 374 -17.59 -0.14 -13.93
N GLU A 375 -16.98 0.52 -12.95
CA GLU A 375 -17.33 0.34 -11.53
C GLU A 375 -17.60 1.67 -10.84
N SER A 376 -18.89 1.98 -10.72
CA SER A 376 -19.36 3.28 -10.28
C SER A 376 -18.90 3.65 -8.88
N ASP A 377 -18.70 2.66 -8.02
CA ASP A 377 -18.31 2.97 -6.64
C ASP A 377 -16.93 3.63 -6.61
N LYS A 378 -16.05 3.16 -7.49
CA LYS A 378 -14.72 3.73 -7.60
C LYS A 378 -14.80 5.16 -8.14
N ARG A 379 -15.58 5.32 -9.20
CA ARG A 379 -15.73 6.60 -9.87
C ARG A 379 -16.31 7.59 -8.87
N LEU A 380 -17.33 7.17 -8.15
CA LEU A 380 -18.00 8.05 -7.19
C LEU A 380 -17.07 8.44 -6.04
N PHE A 381 -16.29 7.49 -5.55
CA PHE A 381 -15.31 7.82 -4.52
C PHE A 381 -14.20 8.80 -5.00
N ILE A 382 -13.64 8.59 -6.19
CA ILE A 382 -12.61 9.54 -6.67
C ILE A 382 -13.18 10.94 -6.91
N GLU A 383 -14.43 11.00 -7.37
CA GLU A 383 -15.09 12.30 -7.52
C GLU A 383 -15.21 13.04 -6.20
N ALA A 384 -15.46 12.30 -5.12
CA ALA A 384 -15.57 12.96 -3.83
C ALA A 384 -14.20 13.46 -3.35
N ILE A 385 -13.16 12.68 -3.62
CA ILE A 385 -11.81 13.12 -3.31
C ILE A 385 -11.45 14.39 -4.12
N GLN A 386 -11.76 14.39 -5.41
CA GLN A 386 -11.46 15.53 -6.27
C GLN A 386 -12.20 16.79 -5.81
N ARG A 387 -13.43 16.61 -5.35
CA ARG A 387 -14.20 17.70 -4.73
C ARG A 387 -13.46 18.34 -3.53
N ALA A 388 -13.06 17.54 -2.56
CA ALA A 388 -12.27 18.08 -1.44
C ALA A 388 -10.92 18.71 -1.88
N ALA A 389 -10.16 17.99 -2.72
CA ALA A 389 -8.89 18.49 -3.21
C ALA A 389 -9.03 19.77 -4.03
N HIS A 390 -10.06 19.83 -4.88
CA HIS A 390 -10.28 21.03 -5.70
C HIS A 390 -10.42 22.26 -4.83
N SER A 391 -10.97 22.10 -3.63
CA SER A 391 -11.25 23.28 -2.80
C SER A 391 -9.99 23.81 -2.16
N ILE A 392 -8.91 23.03 -2.19
CA ILE A 392 -7.63 23.55 -1.68
C ILE A 392 -6.56 23.57 -2.75
N ASP A 393 -7.01 23.65 -3.99
CA ASP A 393 -6.12 23.69 -5.14
C ASP A 393 -5.04 22.62 -5.16
N LEU A 394 -5.41 21.42 -4.75
CA LEU A 394 -4.49 20.29 -4.69
C LEU A 394 -4.77 19.33 -5.85
N PRO A 395 -3.89 19.31 -6.86
CA PRO A 395 -4.22 18.42 -8.00
C PRO A 395 -4.14 16.91 -7.68
N LEU A 396 -4.95 16.13 -8.38
CA LEU A 396 -4.95 14.67 -8.29
C LEU A 396 -4.30 14.06 -9.52
N ILE A 397 -3.58 12.98 -9.33
CA ILE A 397 -2.98 12.28 -10.46
C ILE A 397 -3.34 10.84 -10.27
N ALA A 398 -3.98 10.25 -11.28
CA ALA A 398 -4.36 8.84 -11.30
C ALA A 398 -3.20 7.91 -11.68
N GLU A 399 -2.95 6.88 -10.87
CA GLU A 399 -1.92 5.89 -11.20
C GLU A 399 -2.56 4.66 -11.85
N ARG A 400 -1.76 3.95 -12.64
CA ARG A 400 -2.09 2.67 -13.24
C ARG A 400 -3.22 2.76 -14.25
N VAL A 401 -3.21 3.82 -15.04
CA VAL A 401 -4.17 3.97 -16.11
C VAL A 401 -3.73 3.08 -17.28
N GLU A 402 -4.58 2.11 -17.64
CA GLU A 402 -4.21 1.11 -18.65
C GLU A 402 -5.11 1.10 -19.89
N THR A 403 -6.23 1.79 -19.79
CA THR A 403 -7.28 1.62 -20.75
C THR A 403 -7.80 2.94 -21.29
N GLU A 404 -8.20 2.97 -22.55
CA GLU A 404 -8.76 4.20 -23.12
C GLU A 404 -10.01 4.61 -22.34
N GLY A 405 -10.79 3.62 -21.92
CA GLY A 405 -11.98 3.84 -21.11
C GLY A 405 -11.74 4.46 -19.73
N GLU A 406 -10.70 4.01 -19.04
CA GLU A 406 -10.32 4.60 -17.76
C GLU A 406 -9.87 6.05 -17.93
N LEU A 407 -9.07 6.30 -18.96
CA LEU A 407 -8.63 7.64 -19.27
C LEU A 407 -9.77 8.59 -19.62
N SER A 408 -10.75 8.14 -20.41
CA SER A 408 -11.85 9.08 -20.75
C SER A 408 -12.67 9.49 -19.51
N VAL A 409 -12.87 8.55 -18.58
CA VAL A 409 -13.48 8.86 -17.27
C VAL A 409 -12.66 9.77 -16.35
N ILE A 410 -11.33 9.56 -16.27
CA ILE A 410 -10.43 10.46 -15.55
C ILE A 410 -10.49 11.89 -16.14
N ARG A 411 -10.54 11.97 -17.46
CA ARG A 411 -10.74 13.28 -18.11
C ARG A 411 -12.04 13.93 -17.66
N GLU A 412 -13.16 13.19 -17.75
CA GLU A 412 -14.49 13.68 -17.37
C GLU A 412 -14.54 14.21 -15.94
N MET A 413 -13.75 13.60 -15.07
CA MET A 413 -13.73 13.92 -13.66
C MET A 413 -12.88 15.14 -13.40
N GLY A 414 -12.17 15.59 -14.45
CA GLY A 414 -11.37 16.79 -14.34
C GLY A 414 -10.09 16.65 -13.52
N LEU A 415 -9.59 15.41 -13.39
CA LEU A 415 -8.32 15.26 -12.71
C LEU A 415 -7.18 15.89 -13.52
N TYR A 416 -6.10 16.13 -12.82
CA TYR A 416 -4.96 16.87 -13.35
C TYR A 416 -3.98 15.95 -14.12
N GLY A 417 -3.63 14.81 -13.54
CA GLY A 417 -2.62 13.94 -14.14
C GLY A 417 -2.96 12.47 -14.27
N VAL A 418 -2.24 11.77 -15.16
CA VAL A 418 -2.43 10.32 -15.38
C VAL A 418 -1.08 9.65 -15.61
N GLN A 419 -0.99 8.42 -15.15
CA GLN A 419 0.25 7.63 -15.24
C GLN A 419 -0.16 6.18 -15.44
N GLY A 420 0.62 5.41 -16.19
CA GLY A 420 0.28 4.01 -16.35
C GLY A 420 0.74 3.43 -17.67
N GLN A 421 0.48 2.15 -17.83
CA GLN A 421 0.87 1.41 -19.02
C GLN A 421 0.40 2.09 -20.30
N LEU A 422 -0.77 2.72 -20.26
CA LEU A 422 -1.30 3.41 -21.45
C LEU A 422 -0.33 4.45 -22.02
N PHE A 423 0.48 5.05 -21.14
CA PHE A 423 1.39 6.12 -21.55
C PHE A 423 2.86 5.74 -21.60
N GLY A 424 3.18 4.52 -21.23
CA GLY A 424 4.54 4.04 -21.32
C GLY A 424 4.96 3.42 -20.02
N GLU A 425 5.68 2.31 -20.14
CA GLU A 425 6.24 1.59 -19.00
C GLU A 425 7.49 2.28 -18.48
N PRO A 426 7.89 1.94 -17.25
CA PRO A 426 9.20 2.35 -16.73
C PRO A 426 10.29 1.89 -17.71
N LYS A 427 11.15 2.80 -18.12
CA LYS A 427 12.24 2.51 -19.05
C LYS A 427 13.45 3.36 -18.68
N PRO A 428 14.64 2.99 -19.18
CA PRO A 428 15.82 3.81 -18.92
C PRO A 428 15.70 5.20 -19.57
N TRP A 429 16.54 6.14 -19.17
CA TRP A 429 16.65 7.41 -19.92
C TRP A 429 17.19 8.65 -19.24
N GLY A 430 16.76 9.82 -19.77
CA GLY A 430 16.97 11.11 -19.16
C GLY A 430 15.67 11.89 -18.99
C1 EDO B . -2.35 7.06 -25.39
O1 EDO B . -0.98 7.48 -25.20
C2 EDO B . -3.22 8.22 -24.99
O2 EDO B . -4.56 7.83 -25.29
C1 EDO C . 1.84 -1.69 11.07
O1 EDO C . 3.22 -1.88 11.41
C2 EDO C . 1.65 -2.62 9.88
O2 EDO C . 0.44 -2.19 9.28
C1 EDO D . 23.79 8.83 -10.99
O1 EDO D . 25.15 8.44 -11.24
C2 EDO D . 22.81 8.22 -12.00
O2 EDO D . 22.66 9.07 -13.15
C1 EDO E . 8.32 17.65 -17.71
O1 EDO E . 9.48 17.36 -16.94
C2 EDO E . 7.68 18.92 -17.17
O2 EDO E . 8.12 20.04 -17.95
C1 EDO F . 6.72 20.97 0.65
O1 EDO F . 7.27 22.12 -0.01
C2 EDO F . 5.40 20.58 -0.03
O2 EDO F . 5.56 20.57 -1.45
C1 EDO G . -19.99 0.12 -2.83
O1 EDO G . -18.58 0.13 -2.55
C2 EDO G . -20.39 -1.32 -3.14
O2 EDO G . -19.67 -1.80 -4.28
C1 EDO H . -9.31 -27.06 15.23
O1 EDO H . -10.21 -26.21 15.96
C2 EDO H . -9.39 -26.65 13.77
O2 EDO H . -9.25 -27.84 13.01
C1 EDO I . -21.41 -21.28 11.60
O1 EDO I . -22.14 -20.46 12.52
C2 EDO I . -19.96 -21.50 12.07
O2 EDO I . -19.17 -20.31 11.95
C1 EDO J . 4.23 17.71 -11.41
O1 EDO J . 5.53 17.77 -10.83
C2 EDO J . 3.40 18.91 -10.93
O2 EDO J . 2.04 18.74 -11.32
#